data_4KNY
#
_entry.id   4KNY
#
_cell.length_a   133.140
_cell.length_b   133.140
_cell.length_c   133.670
_cell.angle_alpha   90.00
_cell.angle_beta   90.00
_cell.angle_gamma   90.00
#
_symmetry.space_group_name_H-M   'P 43 21 2'
#
loop_
_entity.id
_entity.type
_entity.pdbx_description
1 polymer 'KDP operon transcriptional regulatory protein KdpE'
2 polymer 'Promoter DNA'
3 polymer 'Promoter DNA'
4 water water
#
loop_
_entity_poly.entity_id
_entity_poly.type
_entity_poly.pdbx_seq_one_letter_code
_entity_poly.pdbx_strand_id
1 'polypeptide(L)'
;GAMANVLIVEDEQAIRRFLRTALEGDGMRVFEAETLQRGLLEAATRKPDLIILDLGLPDGDGIEFIRDLRQWSAVPVIVL
SARSEESDKIAALDAGADDYLSKPFGIGELQARLRVALRRHSATTAPDPLVKFSDVTVDLAARVIHRGEEEVHLTPIEFR
LLAVLLNNAGKVLTQRQLLNQVWGPNAVEHSHYLRIYMGHLRQKLEQDPARPRHFITETGIGYRFML
;
A,B
2 'polydeoxyribonucleotide'
;(DC)(DA)(DT)(DT)(DT)(DT)(DT)(DA)(DT)(DA)(DC)(DT)(DT)(DT)(DT)(DT)(DT)(DT)(DA)(DC)
(DA)(DC)(DC)(DC)(DC)(DG)(DC)(DC)(DC)(DG)
;
Y
3 'polydeoxyribonucleotide'
;(DC)(DG)(DG)(DG)(DC)(DG)(DG)(DG)(DG)(DT)(DG)(DT)(DA)(DA)(DA)(DA)(DA)(DA)(DA)(DG)
(DT)(DA)(DT)(DA)(DA)(DA)(DA)(DA)(DT)(DG)
;
Z
#
loop_
_chem_comp.id
_chem_comp.type
_chem_comp.name
_chem_comp.formula
DA DNA linking 2'-DEOXYADENOSINE-5'-MONOPHOSPHATE 'C10 H14 N5 O6 P'
DC DNA linking 2'-DEOXYCYTIDINE-5'-MONOPHOSPHATE 'C9 H14 N3 O7 P'
DG DNA linking 2'-DEOXYGUANOSINE-5'-MONOPHOSPHATE 'C10 H14 N5 O7 P'
DT DNA linking THYMIDINE-5'-MONOPHOSPHATE 'C10 H15 N2 O8 P'
#
# COMPACT_ATOMS: atom_id res chain seq x y z
N ALA A 2 -16.03 -16.79 18.90
CA ALA A 2 -15.83 -18.22 19.18
C ALA A 2 -14.54 -18.72 18.54
N MET A 3 -14.64 -19.85 17.85
CA MET A 3 -13.48 -20.44 17.19
C MET A 3 -13.01 -19.55 16.04
N ALA A 4 -11.71 -19.39 15.91
CA ALA A 4 -11.14 -18.60 14.83
C ALA A 4 -11.20 -19.36 13.51
N ASN A 5 -11.62 -18.68 12.46
CA ASN A 5 -11.65 -19.27 11.13
C ASN A 5 -10.36 -18.97 10.38
N VAL A 6 -9.62 -20.02 10.04
CA VAL A 6 -8.36 -19.86 9.32
C VAL A 6 -8.42 -20.49 7.94
N LEU A 7 -8.10 -19.70 6.92
CA LEU A 7 -8.05 -20.20 5.56
C LEU A 7 -6.61 -20.49 5.14
N ILE A 8 -6.35 -21.73 4.74
CA ILE A 8 -5.01 -22.13 4.32
C ILE A 8 -4.93 -22.36 2.81
N VAL A 9 -4.16 -21.50 2.14
CA VAL A 9 -3.93 -21.68 0.71
C VAL A 9 -2.60 -22.39 0.48
N GLU A 10 -2.69 -23.68 0.18
CA GLU A 10 -1.52 -24.55 0.07
C GLU A 10 -1.78 -25.65 -0.95
N ASP A 11 -0.81 -25.90 -1.82
CA ASP A 11 -0.99 -26.89 -2.89
C ASP A 11 -0.52 -28.29 -2.49
N GLU A 12 0.40 -28.35 -1.52
CA GLU A 12 0.91 -29.63 -1.04
C GLU A 12 -0.01 -30.28 -0.01
N GLN A 13 -0.46 -31.49 -0.32
CA GLN A 13 -1.46 -32.20 0.47
C GLN A 13 -0.99 -32.47 1.91
N ALA A 14 0.26 -32.92 2.03
CA ALA A 14 0.84 -33.25 3.32
C ALA A 14 0.83 -32.06 4.28
N ILE A 15 1.24 -30.89 3.79
CA ILE A 15 1.27 -29.69 4.60
C ILE A 15 -0.15 -29.28 4.99
N ARG A 16 -1.10 -29.47 4.08
CA ARG A 16 -2.50 -29.16 4.35
C ARG A 16 -3.03 -30.01 5.50
N ARG A 17 -2.73 -31.32 5.46
CA ARG A 17 -3.18 -32.22 6.50
C ARG A 17 -2.51 -31.93 7.85
N PHE A 18 -1.20 -31.76 7.83
CA PHE A 18 -0.45 -31.46 9.05
C PHE A 18 -0.93 -30.17 9.71
N LEU A 19 -1.09 -29.12 8.90
CA LEU A 19 -1.57 -27.84 9.39
C LEU A 19 -3.02 -27.92 9.88
N ARG A 20 -3.84 -28.71 9.20
CA ARG A 20 -5.22 -28.89 9.64
C ARG A 20 -5.25 -29.54 11.02
N THR A 21 -4.45 -30.58 11.18
CA THR A 21 -4.33 -31.26 12.48
C THR A 21 -3.88 -30.30 13.57
N ALA A 22 -2.79 -29.59 13.30
CA ALA A 22 -2.20 -28.67 14.28
C ALA A 22 -3.14 -27.54 14.68
N LEU A 23 -3.79 -26.92 13.69
CA LEU A 23 -4.65 -25.77 13.95
C LEU A 23 -6.00 -26.15 14.55
N GLU A 24 -6.55 -27.29 14.11
CA GLU A 24 -7.78 -27.79 14.72
C GLU A 24 -7.50 -28.22 16.16
N GLY A 25 -6.29 -28.70 16.41
CA GLY A 25 -5.88 -29.08 17.75
C GLY A 25 -5.82 -27.88 18.69
N ASP A 26 -5.59 -26.70 18.12
CA ASP A 26 -5.51 -25.47 18.91
C ASP A 26 -6.86 -24.79 19.06
N GLY A 27 -7.89 -25.34 18.41
CA GLY A 27 -9.24 -24.85 18.55
C GLY A 27 -9.66 -23.87 17.48
N MET A 28 -9.20 -24.09 16.26
CA MET A 28 -9.52 -23.23 15.14
C MET A 28 -10.22 -24.00 14.02
N ARG A 29 -11.25 -23.39 13.43
CA ARG A 29 -11.92 -23.98 12.29
C ARG A 29 -11.06 -23.75 11.05
N VAL A 30 -10.73 -24.82 10.33
CA VAL A 30 -9.79 -24.74 9.23
C VAL A 30 -10.42 -24.95 7.85
N PHE A 31 -10.14 -24.03 6.94
CA PHE A 31 -10.54 -24.17 5.55
C PHE A 31 -9.29 -24.20 4.68
N GLU A 32 -9.28 -25.04 3.65
CA GLU A 32 -8.11 -25.11 2.76
C GLU A 32 -8.46 -24.81 1.31
N ALA A 33 -7.47 -24.33 0.57
CA ALA A 33 -7.60 -24.13 -0.86
C ALA A 33 -6.31 -24.57 -1.53
N GLU A 34 -6.42 -25.15 -2.72
CA GLU A 34 -5.26 -25.69 -3.42
C GLU A 34 -4.74 -24.72 -4.49
N THR A 35 -5.60 -23.81 -4.92
CA THR A 35 -5.22 -22.81 -5.91
C THR A 35 -5.50 -21.40 -5.39
N LEU A 36 -4.89 -20.41 -6.04
CA LEU A 36 -5.02 -19.02 -5.61
C LEU A 36 -6.40 -18.44 -5.89
N GLN A 37 -6.99 -18.81 -7.03
CA GLN A 37 -8.32 -18.33 -7.38
C GLN A 37 -9.37 -18.86 -6.41
N ARG A 38 -9.29 -20.15 -6.12
CA ARG A 38 -10.19 -20.78 -5.18
C ARG A 38 -9.97 -20.20 -3.79
N GLY A 39 -8.72 -19.86 -3.49
CA GLY A 39 -8.37 -19.26 -2.23
C GLY A 39 -8.99 -17.89 -2.06
N LEU A 40 -8.97 -17.10 -3.12
CA LEU A 40 -9.61 -15.79 -3.12
C LEU A 40 -11.12 -15.93 -2.98
N LEU A 41 -11.69 -16.86 -3.73
CA LEU A 41 -13.12 -17.14 -3.65
C LEU A 41 -13.54 -17.47 -2.22
N GLU A 42 -12.84 -18.43 -1.61
CA GLU A 42 -13.13 -18.83 -0.25
C GLU A 42 -12.85 -17.72 0.75
N ALA A 43 -11.91 -16.85 0.41
CA ALA A 43 -11.62 -15.69 1.25
C ALA A 43 -12.84 -14.78 1.28
N ALA A 44 -13.44 -14.60 0.10
CA ALA A 44 -14.62 -13.75 -0.03
C ALA A 44 -15.84 -14.35 0.67
N THR A 45 -16.09 -15.63 0.44
CA THR A 45 -17.30 -16.28 0.97
C THR A 45 -17.23 -16.64 2.46
N ARG A 46 -16.11 -17.23 2.87
CA ARG A 46 -15.97 -17.75 4.23
C ARG A 46 -15.64 -16.67 5.26
N LYS A 47 -15.06 -15.56 4.79
CA LYS A 47 -14.62 -14.47 5.66
C LYS A 47 -13.77 -14.95 6.84
N PRO A 48 -12.55 -15.43 6.56
CA PRO A 48 -11.70 -15.97 7.62
C PRO A 48 -11.11 -14.87 8.48
N ASP A 49 -10.73 -15.22 9.71
CA ASP A 49 -10.10 -14.27 10.63
C ASP A 49 -8.60 -14.21 10.36
N LEU A 50 -8.11 -15.17 9.59
CA LEU A 50 -6.68 -15.28 9.33
C LEU A 50 -6.42 -16.14 8.10
N ILE A 51 -5.42 -15.76 7.32
CA ILE A 51 -5.07 -16.53 6.13
C ILE A 51 -3.60 -16.94 6.12
N ILE A 52 -3.35 -18.25 6.07
CA ILE A 52 -2.00 -18.76 5.88
C ILE A 52 -1.80 -19.05 4.40
N LEU A 53 -0.74 -18.49 3.80
CA LEU A 53 -0.54 -18.60 2.36
C LEU A 53 0.84 -19.13 2.01
N ASP A 54 0.89 -20.21 1.24
CA ASP A 54 2.16 -20.72 0.77
C ASP A 54 2.52 -20.12 -0.60
N LEU A 55 3.65 -19.41 -0.66
CA LEU A 55 4.07 -18.74 -1.89
C LEU A 55 4.49 -19.73 -2.98
N GLY A 56 4.68 -20.98 -2.60
CA GLY A 56 5.12 -21.99 -3.55
C GLY A 56 4.02 -22.54 -4.44
N LEU A 57 3.01 -21.72 -4.71
CA LEU A 57 1.90 -22.14 -5.56
C LEU A 57 2.14 -21.82 -7.03
N PRO A 58 2.04 -22.85 -7.88
CA PRO A 58 2.32 -22.74 -9.32
C PRO A 58 1.27 -21.98 -10.14
N ASP A 59 -0.01 -22.29 -9.91
CA ASP A 59 -1.10 -21.80 -10.76
C ASP A 59 -1.12 -20.29 -10.97
N GLY A 60 -0.55 -19.55 -10.02
CA GLY A 60 -0.48 -18.11 -10.13
C GLY A 60 0.70 -17.52 -9.36
N ASP A 61 0.53 -16.28 -8.90
CA ASP A 61 1.55 -15.62 -8.11
C ASP A 61 0.98 -15.24 -6.73
N GLY A 62 1.72 -15.58 -5.69
CA GLY A 62 1.28 -15.32 -4.33
C GLY A 62 1.17 -13.84 -4.03
N ILE A 63 2.09 -13.06 -4.58
CA ILE A 63 2.07 -11.61 -4.43
C ILE A 63 0.78 -11.05 -5.04
N GLU A 64 0.44 -11.58 -6.22
CA GLU A 64 -0.78 -11.18 -6.91
C GLU A 64 -2.00 -11.50 -6.04
N PHE A 65 -1.96 -12.67 -5.41
CA PHE A 65 -3.01 -13.08 -4.49
C PHE A 65 -3.16 -12.05 -3.37
N ILE A 66 -2.02 -11.72 -2.74
CA ILE A 66 -2.02 -10.78 -1.63
C ILE A 66 -2.58 -9.41 -2.04
N ARG A 67 -2.20 -8.93 -3.21
CA ARG A 67 -2.70 -7.64 -3.70
C ARG A 67 -4.21 -7.67 -3.95
N ASP A 68 -4.65 -8.67 -4.71
CA ASP A 68 -6.06 -8.86 -5.01
C ASP A 68 -6.89 -8.90 -3.73
N LEU A 69 -6.39 -9.61 -2.74
CA LEU A 69 -7.07 -9.71 -1.45
C LEU A 69 -7.07 -8.37 -0.72
N ARG A 70 -5.95 -7.66 -0.79
CA ARG A 70 -5.80 -6.40 -0.08
C ARG A 70 -6.65 -5.29 -0.71
N GLN A 71 -7.15 -5.54 -1.91
CA GLN A 71 -8.06 -4.59 -2.56
C GLN A 71 -9.35 -4.36 -1.77
N TRP A 72 -9.68 -5.26 -0.84
CA TRP A 72 -10.94 -5.15 -0.10
C TRP A 72 -10.86 -5.67 1.34
N SER A 73 -9.88 -6.54 1.60
CA SER A 73 -9.80 -7.20 2.91
C SER A 73 -8.55 -6.83 3.69
N ALA A 74 -8.70 -6.69 5.01
CA ALA A 74 -7.57 -6.37 5.88
C ALA A 74 -7.23 -7.54 6.78
N VAL A 75 -7.72 -8.73 6.42
CA VAL A 75 -7.46 -9.93 7.19
C VAL A 75 -5.96 -10.21 7.25
N PRO A 76 -5.44 -10.53 8.44
CA PRO A 76 -4.02 -10.87 8.58
C PRO A 76 -3.61 -12.03 7.69
N VAL A 77 -2.48 -11.85 6.99
CA VAL A 77 -1.95 -12.86 6.09
C VAL A 77 -0.55 -13.26 6.52
N ILE A 78 -0.40 -14.53 6.89
CA ILE A 78 0.90 -15.08 7.25
C ILE A 78 1.41 -15.97 6.13
N VAL A 79 2.57 -15.64 5.60
CA VAL A 79 3.13 -16.33 4.45
C VAL A 79 4.17 -17.37 4.84
N LEU A 80 4.06 -18.57 4.27
CA LEU A 80 5.07 -19.60 4.44
C LEU A 80 5.78 -19.79 3.09
N SER A 81 7.09 -20.00 3.12
CA SER A 81 7.83 -20.13 1.86
C SER A 81 9.04 -21.06 1.94
N ALA A 82 9.40 -21.63 0.80
CA ALA A 82 10.60 -22.47 0.69
C ALA A 82 11.84 -21.59 0.63
N ARG A 83 11.73 -20.49 -0.09
CA ARG A 83 12.80 -19.51 -0.17
C ARG A 83 13.03 -18.84 1.18
N SER A 84 14.23 -18.32 1.38
CA SER A 84 14.54 -17.50 2.54
C SER A 84 15.27 -16.25 2.09
N GLU A 85 15.10 -15.92 0.81
CA GLU A 85 15.78 -14.78 0.21
C GLU A 85 15.08 -13.50 0.63
N GLU A 86 15.87 -12.53 1.07
CA GLU A 86 15.36 -11.29 1.65
C GLU A 86 14.41 -10.53 0.72
N SER A 87 14.72 -10.55 -0.56
CA SER A 87 13.92 -9.84 -1.56
C SER A 87 12.47 -10.33 -1.58
N ASP A 88 12.29 -11.64 -1.43
CA ASP A 88 10.97 -12.23 -1.43
C ASP A 88 10.19 -11.84 -0.17
N LYS A 89 10.88 -11.86 0.97
CA LYS A 89 10.29 -11.41 2.23
C LYS A 89 9.79 -9.98 2.09
N ILE A 90 10.67 -9.10 1.64
CA ILE A 90 10.34 -7.68 1.48
C ILE A 90 9.18 -7.47 0.51
N ALA A 91 9.19 -8.20 -0.60
CA ALA A 91 8.14 -8.10 -1.60
C ALA A 91 6.79 -8.51 -1.04
N ALA A 92 6.76 -9.67 -0.40
CA ALA A 92 5.53 -10.20 0.19
C ALA A 92 4.99 -9.29 1.29
N LEU A 93 5.88 -8.80 2.14
CA LEU A 93 5.48 -7.93 3.25
C LEU A 93 4.97 -6.58 2.77
N ASP A 94 5.62 -6.03 1.75
CA ASP A 94 5.20 -4.75 1.20
C ASP A 94 3.92 -4.89 0.36
N ALA A 95 3.66 -6.11 -0.10
CA ALA A 95 2.44 -6.38 -0.84
C ALA A 95 1.22 -6.34 0.09
N GLY A 96 1.43 -6.67 1.35
CA GLY A 96 0.37 -6.61 2.34
C GLY A 96 0.38 -7.72 3.37
N ALA A 97 1.38 -8.60 3.29
CA ALA A 97 1.50 -9.69 4.25
C ALA A 97 1.81 -9.15 5.64
N ASP A 98 1.43 -9.89 6.67
CA ASP A 98 1.63 -9.47 8.04
C ASP A 98 2.81 -10.19 8.68
N ASP A 99 3.14 -11.36 8.16
CA ASP A 99 4.29 -12.11 8.65
C ASP A 99 4.83 -13.08 7.61
N TYR A 100 6.07 -13.52 7.82
CA TYR A 100 6.75 -14.38 6.85
C TYR A 100 7.59 -15.44 7.59
N LEU A 101 7.43 -16.70 7.17
CA LEU A 101 8.19 -17.80 7.73
C LEU A 101 8.83 -18.63 6.63
N SER A 102 10.11 -18.94 6.79
CA SER A 102 10.83 -19.77 5.84
C SER A 102 10.75 -21.24 6.23
N LYS A 103 10.33 -22.09 5.30
CA LYS A 103 10.25 -23.52 5.55
C LYS A 103 11.63 -24.16 5.52
N PRO A 104 11.88 -25.11 6.44
CA PRO A 104 10.95 -25.57 7.47
C PRO A 104 10.98 -24.69 8.71
N PHE A 105 9.93 -24.80 9.53
CA PHE A 105 9.79 -23.99 10.73
C PHE A 105 9.25 -24.83 11.87
N GLY A 106 9.33 -24.30 13.09
CA GLY A 106 8.73 -24.95 14.23
C GLY A 106 7.25 -24.63 14.28
N ILE A 107 6.42 -25.65 14.47
CA ILE A 107 4.98 -25.46 14.49
C ILE A 107 4.56 -24.54 15.65
N GLY A 108 5.28 -24.63 16.77
CA GLY A 108 4.99 -23.80 17.93
C GLY A 108 5.16 -22.33 17.64
N GLU A 109 6.21 -21.99 16.88
CA GLU A 109 6.44 -20.61 16.46
C GLU A 109 5.28 -20.11 15.60
N LEU A 110 4.82 -20.97 14.70
CA LEU A 110 3.68 -20.63 13.85
C LEU A 110 2.42 -20.40 14.67
N GLN A 111 2.20 -21.24 15.68
CA GLN A 111 1.07 -21.07 16.57
C GLN A 111 1.17 -19.72 17.29
N ALA A 112 2.38 -19.38 17.73
CA ALA A 112 2.63 -18.13 18.43
C ALA A 112 2.31 -16.91 17.56
N ARG A 113 2.87 -16.89 16.36
CA ARG A 113 2.63 -15.79 15.44
C ARG A 113 1.17 -15.73 15.01
N LEU A 114 0.52 -16.89 15.01
CA LEU A 114 -0.91 -16.97 14.73
C LEU A 114 -1.69 -16.24 15.82
N ARG A 115 -1.37 -16.54 17.07
CA ARG A 115 -2.01 -15.88 18.20
C ARG A 115 -1.77 -14.38 18.19
N VAL A 116 -0.54 -13.99 17.89
CA VAL A 116 -0.18 -12.57 17.77
C VAL A 116 -1.02 -11.88 16.69
N ALA A 117 -1.14 -12.52 15.54
CA ALA A 117 -1.92 -11.96 14.44
C ALA A 117 -3.40 -11.84 14.80
N LEU A 118 -3.92 -12.86 15.50
CA LEU A 118 -5.33 -12.89 15.85
C LEU A 118 -5.72 -11.87 16.90
N ARG A 119 -4.91 -11.73 17.95
CA ARG A 119 -5.27 -10.85 19.07
C ARG A 119 -5.30 -9.37 18.70
N ARG A 120 -4.77 -9.04 17.52
CA ARG A 120 -4.89 -7.67 17.00
C ARG A 120 -6.21 -7.48 16.26
N HIS A 121 -7.24 -7.08 16.99
CA HIS A 121 -8.54 -6.81 16.39
C HIS A 121 -9.37 -5.85 17.25
N ALA A 126 -12.87 -0.49 15.39
CA ALA A 126 -13.72 0.38 14.60
C ALA A 126 -14.39 -0.34 13.45
N PRO A 127 -15.70 -0.12 13.27
CA PRO A 127 -16.50 -0.71 12.19
C PRO A 127 -15.97 -0.38 10.80
N ASP A 128 -16.44 -1.11 9.79
CA ASP A 128 -15.97 -0.95 8.42
C ASP A 128 -16.21 0.46 7.88
N PRO A 129 -15.17 1.04 7.27
CA PRO A 129 -15.31 2.34 6.61
C PRO A 129 -16.25 2.26 5.40
N LEU A 130 -17.28 3.08 5.40
CA LEU A 130 -18.22 3.11 4.28
C LEU A 130 -17.88 4.24 3.32
N VAL A 131 -17.95 3.95 2.03
CA VAL A 131 -17.78 4.98 1.01
C VAL A 131 -19.13 5.39 0.46
N LYS A 132 -19.50 6.65 0.66
CA LYS A 132 -20.80 7.14 0.21
C LYS A 132 -20.69 8.18 -0.88
N PHE A 133 -21.46 8.00 -1.95
CA PHE A 133 -21.54 8.93 -3.06
C PHE A 133 -22.90 8.75 -3.70
N SER A 134 -23.48 9.87 -4.15
CA SER A 134 -24.86 9.87 -4.66
C SER A 134 -25.80 9.31 -3.61
N ASP A 135 -26.44 8.18 -3.93
CA ASP A 135 -27.28 7.48 -2.98
C ASP A 135 -26.69 6.09 -2.71
N VAL A 136 -25.44 5.90 -3.09
CA VAL A 136 -24.77 4.62 -2.99
C VAL A 136 -23.92 4.51 -1.74
N THR A 137 -24.01 3.36 -1.07
CA THR A 137 -23.21 3.08 0.11
C THR A 137 -22.37 1.82 -0.14
N VAL A 138 -21.05 1.94 0.00
CA VAL A 138 -20.16 0.82 -0.28
C VAL A 138 -19.37 0.36 0.95
N ASP A 139 -19.46 -0.93 1.23
CA ASP A 139 -18.70 -1.56 2.30
C ASP A 139 -17.77 -2.60 1.70
N LEU A 140 -16.53 -2.20 1.43
CA LEU A 140 -15.55 -3.08 0.78
C LEU A 140 -15.23 -4.32 1.60
N ALA A 141 -15.08 -4.14 2.91
CA ALA A 141 -14.72 -5.24 3.80
C ALA A 141 -15.80 -6.34 3.82
N ALA A 142 -17.06 -5.93 3.75
CA ALA A 142 -18.17 -6.86 3.76
C ALA A 142 -18.59 -7.23 2.34
N ARG A 143 -17.97 -6.59 1.36
CA ARG A 143 -18.25 -6.82 -0.05
C ARG A 143 -19.73 -6.61 -0.40
N VAL A 144 -20.37 -5.67 0.30
CA VAL A 144 -21.77 -5.36 0.04
C VAL A 144 -21.95 -3.92 -0.41
N ILE A 145 -22.85 -3.71 -1.35
CA ILE A 145 -23.16 -2.38 -1.85
C ILE A 145 -24.66 -2.14 -1.78
N HIS A 146 -25.06 -1.02 -1.20
CA HIS A 146 -26.49 -0.66 -1.12
C HIS A 146 -26.75 0.60 -1.92
N ARG A 147 -27.49 0.49 -3.03
CA ARG A 147 -27.96 1.69 -3.70
C ARG A 147 -29.32 2.08 -3.14
N GLY A 148 -29.36 3.20 -2.43
CA GLY A 148 -30.56 3.59 -1.72
C GLY A 148 -30.67 2.79 -0.44
N GLU A 149 -31.54 1.77 -0.44
CA GLU A 149 -31.75 0.95 0.75
C GLU A 149 -31.71 -0.54 0.45
N GLU A 150 -31.71 -0.90 -0.82
CA GLU A 150 -31.64 -2.30 -1.20
C GLU A 150 -30.29 -2.67 -1.78
N GLU A 151 -29.88 -3.92 -1.57
CA GLU A 151 -28.58 -4.39 -2.01
C GLU A 151 -28.49 -4.51 -3.53
N VAL A 152 -27.41 -4.00 -4.10
CA VAL A 152 -27.14 -4.11 -5.53
C VAL A 152 -26.00 -5.10 -5.77
N HIS A 153 -26.22 -6.03 -6.69
CA HIS A 153 -25.29 -7.13 -6.92
C HIS A 153 -24.26 -6.84 -8.02
N LEU A 154 -22.99 -6.88 -7.64
CA LEU A 154 -21.89 -6.75 -8.60
C LEU A 154 -21.25 -8.11 -8.85
N THR A 155 -20.84 -8.35 -10.09
CA THR A 155 -20.11 -9.56 -10.42
C THR A 155 -18.66 -9.40 -9.98
N PRO A 156 -17.94 -10.52 -9.76
CA PRO A 156 -16.55 -10.51 -9.30
C PRO A 156 -15.66 -9.44 -9.96
N ILE A 157 -15.62 -9.42 -11.28
CA ILE A 157 -14.81 -8.44 -12.00
C ILE A 157 -15.29 -7.01 -11.72
N GLU A 158 -16.60 -6.82 -11.75
CA GLU A 158 -17.20 -5.52 -11.44
C GLU A 158 -16.79 -5.03 -10.06
N PHE A 159 -16.89 -5.91 -9.07
CA PHE A 159 -16.55 -5.55 -7.69
C PHE A 159 -15.05 -5.26 -7.55
N ARG A 160 -14.22 -6.04 -8.23
CA ARG A 160 -12.78 -5.81 -8.16
C ARG A 160 -12.42 -4.45 -8.76
N LEU A 161 -13.04 -4.14 -9.89
CA LEU A 161 -12.86 -2.85 -10.55
C LEU A 161 -13.29 -1.71 -9.65
N LEU A 162 -14.47 -1.85 -9.03
CA LEU A 162 -14.98 -0.86 -8.10
C LEU A 162 -14.03 -0.67 -6.93
N ALA A 163 -13.50 -1.77 -6.42
CA ALA A 163 -12.58 -1.74 -5.29
C ALA A 163 -11.30 -0.99 -5.64
N VAL A 164 -10.74 -1.28 -6.80
CA VAL A 164 -9.54 -0.60 -7.27
C VAL A 164 -9.79 0.90 -7.44
N LEU A 165 -10.91 1.24 -8.08
CA LEU A 165 -11.26 2.65 -8.28
C LEU A 165 -11.44 3.40 -6.97
N LEU A 166 -12.16 2.79 -6.03
CA LEU A 166 -12.44 3.42 -4.75
C LEU A 166 -11.20 3.56 -3.88
N ASN A 167 -10.33 2.56 -3.91
CA ASN A 167 -9.09 2.64 -3.14
C ASN A 167 -8.17 3.76 -3.61
N ASN A 168 -8.34 4.16 -4.88
CA ASN A 168 -7.60 5.29 -5.43
C ASN A 168 -8.53 6.45 -5.71
N ALA A 169 -9.44 6.73 -4.78
CA ALA A 169 -10.42 7.80 -4.92
C ALA A 169 -9.77 9.16 -5.14
N GLY A 170 -10.18 9.83 -6.21
CA GLY A 170 -9.66 11.15 -6.53
C GLY A 170 -8.50 11.12 -7.50
N LYS A 171 -7.89 9.95 -7.65
CA LYS A 171 -6.74 9.79 -8.53
C LYS A 171 -7.13 9.05 -9.80
N VAL A 172 -6.69 9.56 -10.96
CA VAL A 172 -6.94 8.83 -12.19
C VAL A 172 -5.99 7.65 -12.33
N LEU A 173 -6.54 6.52 -12.75
CA LEU A 173 -5.76 5.33 -13.03
C LEU A 173 -5.74 5.09 -14.52
N THR A 174 -4.55 4.74 -15.02
CA THR A 174 -4.37 4.45 -16.44
C THR A 174 -5.01 3.12 -16.78
N GLN A 175 -5.26 2.89 -18.06
CA GLN A 175 -5.87 1.65 -18.52
C GLN A 175 -4.96 0.46 -18.21
N ARG A 176 -3.66 0.68 -18.32
CA ARG A 176 -2.67 -0.34 -17.99
C ARG A 176 -2.80 -0.77 -16.54
N GLN A 177 -2.94 0.20 -15.65
CA GLN A 177 -3.07 -0.07 -14.22
C GLN A 177 -4.35 -0.82 -13.89
N LEU A 178 -5.48 -0.31 -14.36
CA LEU A 178 -6.78 -0.94 -14.12
C LEU A 178 -6.82 -2.37 -14.66
N LEU A 179 -6.32 -2.56 -15.87
CA LEU A 179 -6.26 -3.88 -16.46
C LEU A 179 -5.36 -4.82 -15.67
N ASN A 180 -4.19 -4.33 -15.27
CA ASN A 180 -3.24 -5.13 -14.52
C ASN A 180 -3.75 -5.53 -13.14
N GLN A 181 -4.55 -4.66 -12.53
CA GLN A 181 -5.03 -4.90 -11.17
C GLN A 181 -6.34 -5.66 -11.13
N VAL A 182 -7.12 -5.60 -12.21
CA VAL A 182 -8.39 -6.32 -12.25
C VAL A 182 -8.27 -7.67 -12.95
N TRP A 183 -7.76 -7.68 -14.18
CA TRP A 183 -7.64 -8.91 -14.94
C TRP A 183 -6.30 -9.63 -14.72
N GLY A 184 -5.24 -8.86 -14.58
CA GLY A 184 -3.91 -9.43 -14.43
C GLY A 184 -2.96 -8.99 -15.52
N PRO A 185 -1.67 -9.30 -15.36
CA PRO A 185 -0.59 -8.88 -16.28
C PRO A 185 -0.72 -9.44 -17.69
N ASN A 186 -1.40 -10.57 -17.83
CA ASN A 186 -1.50 -11.23 -19.13
C ASN A 186 -2.53 -10.57 -20.06
N ALA A 187 -3.32 -9.66 -19.50
CA ALA A 187 -4.32 -8.95 -20.29
C ALA A 187 -4.28 -7.45 -19.99
N VAL A 188 -3.37 -6.75 -20.67
CA VAL A 188 -3.18 -5.32 -20.47
C VAL A 188 -3.39 -4.56 -21.79
N GLU A 189 -3.61 -5.32 -22.86
CA GLU A 189 -3.84 -4.74 -24.17
C GLU A 189 -5.34 -4.58 -24.46
N HIS A 190 -6.16 -5.20 -23.62
CA HIS A 190 -7.60 -5.21 -23.84
C HIS A 190 -8.31 -4.07 -23.12
N SER A 191 -8.18 -2.86 -23.65
CA SER A 191 -8.81 -1.69 -23.05
C SER A 191 -10.34 -1.75 -23.18
N HIS A 192 -10.81 -2.54 -24.14
CA HIS A 192 -12.24 -2.67 -24.39
C HIS A 192 -12.95 -3.41 -23.25
N TYR A 193 -12.24 -4.34 -22.61
CA TYR A 193 -12.74 -5.00 -21.41
C TYR A 193 -13.10 -3.92 -20.40
N LEU A 194 -12.12 -3.05 -20.16
CA LEU A 194 -12.22 -1.97 -19.20
C LEU A 194 -13.38 -1.03 -19.54
N ARG A 195 -13.50 -0.70 -20.81
CA ARG A 195 -14.61 0.14 -21.27
C ARG A 195 -15.96 -0.50 -20.94
N ILE A 196 -16.08 -1.79 -21.29
CA ILE A 196 -17.31 -2.53 -21.06
C ILE A 196 -17.71 -2.58 -19.60
N TYR A 197 -16.78 -2.99 -18.74
CA TYR A 197 -17.10 -3.14 -17.32
C TYR A 197 -17.27 -1.80 -16.59
N MET A 198 -16.57 -0.78 -17.07
CA MET A 198 -16.79 0.57 -16.57
C MET A 198 -18.23 0.96 -16.93
N GLY A 199 -18.66 0.50 -18.10
CA GLY A 199 -20.04 0.69 -18.52
C GLY A 199 -21.01 0.00 -17.59
N HIS A 200 -20.70 -1.23 -17.20
CA HIS A 200 -21.53 -1.97 -16.25
C HIS A 200 -21.66 -1.22 -14.92
N LEU A 201 -20.52 -0.80 -14.38
CA LEU A 201 -20.49 -0.07 -13.12
C LEU A 201 -21.31 1.23 -13.19
N ARG A 202 -21.12 1.98 -14.27
CA ARG A 202 -21.89 3.21 -14.48
C ARG A 202 -23.39 2.92 -14.55
N GLN A 203 -23.75 1.85 -15.26
CA GLN A 203 -25.15 1.45 -15.40
C GLN A 203 -25.77 1.13 -14.05
N LYS A 204 -25.04 0.40 -13.21
CA LYS A 204 -25.58 -0.03 -11.93
C LYS A 204 -25.54 1.04 -10.84
N LEU A 205 -24.62 1.98 -10.94
CA LEU A 205 -24.36 2.89 -9.83
C LEU A 205 -24.64 4.38 -10.09
N GLU A 206 -24.40 4.83 -11.31
CA GLU A 206 -24.64 6.25 -11.64
C GLU A 206 -26.14 6.55 -11.74
N GLN A 207 -26.53 7.74 -11.30
CA GLN A 207 -27.93 8.15 -11.39
C GLN A 207 -28.28 8.47 -12.84
N ASP A 208 -27.27 8.85 -13.62
CA ASP A 208 -27.42 9.04 -15.05
C ASP A 208 -26.21 8.46 -15.77
N PRO A 209 -26.28 7.16 -16.13
CA PRO A 209 -25.19 6.42 -16.77
C PRO A 209 -24.62 7.09 -18.01
N ALA A 210 -25.43 7.90 -18.70
CA ALA A 210 -24.95 8.60 -19.88
C ALA A 210 -24.03 9.77 -19.51
N ARG A 211 -24.27 10.36 -18.35
CA ARG A 211 -23.41 11.44 -17.85
C ARG A 211 -22.98 11.18 -16.40
N PRO A 212 -21.81 10.54 -16.25
CA PRO A 212 -21.30 10.14 -14.93
C PRO A 212 -20.89 11.34 -14.09
N ARG A 213 -21.05 11.22 -12.78
CA ARG A 213 -20.65 12.28 -11.85
C ARG A 213 -19.69 11.73 -10.80
N HIS A 214 -19.41 10.44 -10.87
CA HIS A 214 -18.50 9.79 -9.93
C HIS A 214 -17.51 8.86 -10.61
N PHE A 215 -17.92 8.27 -11.73
CA PHE A 215 -17.02 7.42 -12.51
C PHE A 215 -16.63 8.11 -13.82
N ILE A 216 -15.60 8.94 -13.73
CA ILE A 216 -15.23 9.86 -14.80
C ILE A 216 -14.19 9.28 -15.77
N THR A 217 -14.43 9.49 -17.06
CA THR A 217 -13.49 9.08 -18.10
C THR A 217 -12.39 10.12 -18.30
N GLU A 218 -11.14 9.70 -18.12
CA GLU A 218 -10.00 10.54 -18.46
C GLU A 218 -9.50 10.13 -19.84
N THR A 219 -10.02 10.82 -20.87
CA THR A 219 -9.83 10.44 -22.26
C THR A 219 -8.35 10.28 -22.65
N GLY A 220 -8.03 9.14 -23.25
CA GLY A 220 -6.68 8.86 -23.70
C GLY A 220 -5.79 8.28 -22.61
N ILE A 221 -6.27 8.33 -21.38
CA ILE A 221 -5.48 7.89 -20.24
C ILE A 221 -6.11 6.70 -19.51
N GLY A 222 -7.28 6.93 -18.91
CA GLY A 222 -7.95 5.88 -18.15
C GLY A 222 -9.23 6.35 -17.50
N TYR A 223 -9.42 5.98 -16.23
CA TYR A 223 -10.66 6.35 -15.53
C TYR A 223 -10.38 6.84 -14.12
N ARG A 224 -11.37 7.43 -13.47
CA ARG A 224 -11.18 8.00 -12.14
C ARG A 224 -12.46 8.07 -11.32
N PHE A 225 -12.40 7.62 -10.07
CA PHE A 225 -13.55 7.74 -9.17
C PHE A 225 -13.48 9.04 -8.37
N MET A 226 -14.64 9.65 -8.13
CA MET A 226 -14.71 10.91 -7.40
C MET A 226 -15.66 10.83 -6.21
N LEU A 227 -15.37 11.65 -5.19
CA LEU A 227 -16.16 11.74 -3.97
C LEU A 227 -16.11 10.44 -3.14
N ALA B 2 4.41 13.80 10.44
CA ALA B 2 4.60 12.81 9.38
C ALA B 2 5.74 11.85 9.71
N MET B 3 6.50 12.18 10.74
CA MET B 3 7.61 11.34 11.17
C MET B 3 7.16 10.24 12.13
N ALA B 4 7.78 9.07 12.01
CA ALA B 4 7.52 7.97 12.92
C ALA B 4 8.54 7.96 14.05
N ASN B 5 8.06 7.99 15.28
CA ASN B 5 8.94 7.99 16.45
C ASN B 5 9.25 6.57 16.91
N VAL B 6 10.43 6.08 16.54
CA VAL B 6 10.85 4.74 16.96
C VAL B 6 11.82 4.83 18.14
N LEU B 7 11.46 4.15 19.23
CA LEU B 7 12.32 4.07 20.40
C LEU B 7 13.10 2.75 20.40
N ILE B 8 14.43 2.84 20.40
CA ILE B 8 15.26 1.64 20.46
C ILE B 8 15.85 1.44 21.85
N VAL B 9 15.66 0.24 22.38
CA VAL B 9 16.23 -0.14 23.67
C VAL B 9 17.40 -1.09 23.41
N GLU B 10 18.61 -0.55 23.53
CA GLU B 10 19.84 -1.20 23.10
C GLU B 10 21.04 -0.52 23.76
N ASP B 11 21.99 -1.31 24.26
CA ASP B 11 23.17 -0.74 24.92
C ASP B 11 24.43 -0.86 24.08
N GLU B 12 24.55 -1.94 23.32
CA GLU B 12 25.71 -2.15 22.46
C GLU B 12 25.73 -1.13 21.32
N GLN B 13 26.88 -0.46 21.15
CA GLN B 13 27.00 0.62 20.18
C GLN B 13 26.97 0.15 18.72
N ALA B 14 27.44 -1.07 18.46
CA ALA B 14 27.44 -1.60 17.11
C ALA B 14 26.03 -1.79 16.59
N ILE B 15 25.22 -2.53 17.35
CA ILE B 15 23.84 -2.79 16.97
C ILE B 15 23.02 -1.50 16.96
N ARG B 16 23.33 -0.59 17.87
CA ARG B 16 22.64 0.69 17.93
C ARG B 16 22.94 1.52 16.69
N ARG B 17 24.19 1.45 16.24
CA ARG B 17 24.61 2.11 15.01
C ARG B 17 23.83 1.54 13.84
N PHE B 18 23.83 0.20 13.74
CA PHE B 18 23.08 -0.52 12.71
C PHE B 18 21.61 -0.10 12.67
N LEU B 19 20.97 -0.10 13.84
CA LEU B 19 19.57 0.29 13.95
C LEU B 19 19.35 1.74 13.54
N ARG B 20 20.29 2.61 13.88
CA ARG B 20 20.17 4.02 13.50
C ARG B 20 20.23 4.20 12.00
N THR B 21 21.15 3.51 11.34
CA THR B 21 21.25 3.62 9.89
C THR B 21 20.01 3.01 9.23
N ALA B 22 19.48 1.95 9.83
CA ALA B 22 18.27 1.31 9.30
C ALA B 22 17.04 2.22 9.42
N LEU B 23 16.89 2.86 10.58
CA LEU B 23 15.73 3.70 10.86
C LEU B 23 15.78 5.01 10.11
N GLU B 24 16.94 5.65 10.11
CA GLU B 24 17.13 6.88 9.34
C GLU B 24 17.17 6.56 7.86
N GLY B 25 17.33 5.27 7.54
CA GLY B 25 17.36 4.81 6.16
C GLY B 25 16.12 5.18 5.38
N ASP B 26 14.95 4.90 5.94
CA ASP B 26 13.70 5.25 5.26
C ASP B 26 12.84 6.25 6.05
N GLY B 27 13.44 7.37 6.42
CA GLY B 27 12.74 8.49 7.01
C GLY B 27 12.00 8.24 8.31
N MET B 28 12.74 8.04 9.39
CA MET B 28 12.15 7.92 10.72
C MET B 28 12.93 8.72 11.76
N ARG B 29 12.36 8.84 12.95
CA ARG B 29 13.01 9.56 14.05
C ARG B 29 13.37 8.57 15.15
N VAL B 30 14.56 8.73 15.74
CA VAL B 30 15.05 7.77 16.70
C VAL B 30 15.22 8.29 18.12
N PHE B 31 14.50 7.67 19.06
CA PHE B 31 14.75 7.88 20.48
C PHE B 31 15.57 6.70 20.97
N GLU B 32 16.52 6.95 21.86
CA GLU B 32 17.39 5.88 22.35
C GLU B 32 17.26 5.65 23.85
N ALA B 33 17.39 4.40 24.26
CA ALA B 33 17.38 4.03 25.67
C ALA B 33 18.39 2.93 25.91
N GLU B 34 19.24 3.10 26.92
CA GLU B 34 20.35 2.16 27.15
C GLU B 34 20.05 1.12 28.22
N THR B 35 18.98 1.34 28.99
CA THR B 35 18.54 0.36 29.98
C THR B 35 17.05 0.08 29.83
N LEU B 36 16.59 -1.02 30.44
CA LEU B 36 15.18 -1.40 30.39
C LEU B 36 14.30 -0.41 31.15
N GLN B 37 14.80 0.08 32.29
CA GLN B 37 14.10 1.08 33.07
C GLN B 37 13.94 2.37 32.28
N ARG B 38 15.04 2.82 31.69
CA ARG B 38 15.02 4.00 30.83
C ARG B 38 14.09 3.75 29.65
N GLY B 39 14.05 2.50 29.19
CA GLY B 39 13.19 2.11 28.09
C GLY B 39 11.73 2.28 28.43
N LEU B 40 11.32 1.82 29.61
CA LEU B 40 9.94 1.99 30.06
C LEU B 40 9.62 3.48 30.24
N LEU B 41 10.51 4.17 30.94
CA LEU B 41 10.35 5.60 31.18
C LEU B 41 10.08 6.37 29.89
N GLU B 42 10.94 6.16 28.90
CA GLU B 42 10.78 6.87 27.63
C GLU B 42 9.61 6.35 26.82
N ALA B 43 9.27 5.07 27.01
CA ALA B 43 8.11 4.48 26.37
C ALA B 43 6.85 5.23 26.81
N ALA B 44 6.83 5.65 28.07
CA ALA B 44 5.71 6.43 28.58
C ALA B 44 5.81 7.92 28.21
N THR B 45 6.96 8.52 28.50
CA THR B 45 7.13 9.97 28.38
C THR B 45 7.21 10.50 26.96
N ARG B 46 7.65 9.67 26.02
CA ARG B 46 7.88 10.14 24.65
C ARG B 46 6.86 9.62 23.65
N LYS B 47 6.00 8.71 24.10
CA LYS B 47 4.94 8.13 23.28
C LYS B 47 5.42 7.68 21.90
N PRO B 48 6.32 6.69 21.86
CA PRO B 48 6.84 6.24 20.56
C PRO B 48 5.77 5.49 19.78
N ASP B 49 5.88 5.49 18.46
CA ASP B 49 4.95 4.76 17.61
C ASP B 49 5.35 3.30 17.52
N LEU B 50 6.58 3.00 17.93
CA LEU B 50 7.13 1.66 17.83
C LEU B 50 8.38 1.50 18.69
N ILE B 51 8.53 0.35 19.34
CA ILE B 51 9.71 0.08 20.15
C ILE B 51 10.49 -1.11 19.62
N ILE B 52 11.76 -0.90 19.28
CA ILE B 52 12.64 -2.01 18.95
C ILE B 52 13.41 -2.38 20.22
N LEU B 53 13.29 -3.63 20.65
CA LEU B 53 13.87 -4.03 21.94
C LEU B 53 14.89 -5.15 21.80
N ASP B 54 16.13 -4.92 22.26
CA ASP B 54 17.11 -6.00 22.25
C ASP B 54 16.99 -6.84 23.52
N LEU B 55 16.82 -8.15 23.34
CA LEU B 55 16.77 -9.08 24.46
C LEU B 55 18.17 -9.34 25.02
N GLY B 56 19.18 -8.91 24.28
CA GLY B 56 20.56 -9.08 24.70
C GLY B 56 20.97 -8.09 25.79
N LEU B 57 20.04 -7.23 26.19
CA LEU B 57 20.30 -6.28 27.27
C LEU B 57 20.62 -7.00 28.57
N PRO B 58 21.69 -6.57 29.25
CA PRO B 58 22.21 -7.23 30.44
C PRO B 58 21.51 -6.85 31.74
N ASP B 59 20.91 -5.66 31.78
CA ASP B 59 20.36 -5.14 33.04
C ASP B 59 19.14 -5.89 33.56
N GLY B 60 18.53 -6.73 32.74
CA GLY B 60 17.38 -7.49 33.18
C GLY B 60 16.71 -8.36 32.13
N ASP B 61 15.56 -8.92 32.50
CA ASP B 61 14.78 -9.77 31.61
C ASP B 61 13.93 -8.95 30.66
N GLY B 62 14.13 -9.14 29.35
CA GLY B 62 13.41 -8.40 28.34
C GLY B 62 11.95 -8.78 28.22
N ILE B 63 11.65 -10.04 28.48
CA ILE B 63 10.28 -10.54 28.41
C ILE B 63 9.44 -9.90 29.52
N GLU B 64 10.05 -9.76 30.70
CA GLU B 64 9.40 -9.06 31.80
C GLU B 64 9.27 -7.57 31.51
N PHE B 65 10.17 -7.04 30.69
CA PHE B 65 10.04 -5.67 30.22
C PHE B 65 8.77 -5.56 29.38
N ILE B 66 8.60 -6.52 28.47
CA ILE B 66 7.42 -6.55 27.62
C ILE B 66 6.14 -6.67 28.44
N ARG B 67 6.15 -7.58 29.43
CA ARG B 67 4.99 -7.78 30.29
C ARG B 67 4.66 -6.53 31.10
N ASP B 68 5.69 -5.84 31.60
CA ASP B 68 5.51 -4.61 32.35
C ASP B 68 4.93 -3.52 31.46
N LEU B 69 5.45 -3.41 30.25
CA LEU B 69 5.01 -2.41 29.29
C LEU B 69 3.56 -2.62 28.89
N ARG B 70 3.19 -3.88 28.67
CA ARG B 70 1.86 -4.23 28.17
C ARG B 70 0.74 -3.96 29.17
N GLN B 71 1.09 -3.55 30.38
CA GLN B 71 0.09 -3.25 31.40
C GLN B 71 -0.50 -1.85 31.23
N TRP B 72 0.16 -1.01 30.41
CA TRP B 72 -0.33 0.35 30.20
C TRP B 72 -0.08 0.88 28.80
N SER B 73 0.38 0.01 27.88
CA SER B 73 0.65 0.43 26.51
C SER B 73 0.44 -0.68 25.50
N ALA B 74 -0.08 -0.30 24.33
CA ALA B 74 -0.28 -1.24 23.24
C ALA B 74 0.55 -0.83 22.03
N VAL B 75 1.66 -0.15 22.29
CA VAL B 75 2.59 0.24 21.24
C VAL B 75 3.24 -1.01 20.64
N PRO B 76 3.33 -1.08 19.31
CA PRO B 76 4.02 -2.19 18.67
C PRO B 76 5.45 -2.32 19.17
N VAL B 77 5.85 -3.53 19.55
CA VAL B 77 7.24 -3.79 19.88
C VAL B 77 7.79 -4.93 19.02
N ILE B 78 8.91 -4.63 18.35
CA ILE B 78 9.63 -5.61 17.57
C ILE B 78 10.87 -6.02 18.38
N VAL B 79 11.04 -7.33 18.56
CA VAL B 79 12.07 -7.86 19.42
C VAL B 79 13.25 -8.40 18.64
N LEU B 80 14.47 -8.00 19.00
CA LEU B 80 15.66 -8.51 18.35
C LEU B 80 16.35 -9.54 19.25
N SER B 81 17.04 -10.50 18.63
CA SER B 81 17.77 -11.50 19.39
C SER B 81 18.88 -12.16 18.58
N ALA B 82 19.93 -12.59 19.25
CA ALA B 82 21.06 -13.26 18.61
C ALA B 82 20.84 -14.77 18.61
N ARG B 83 20.09 -15.26 19.59
CA ARG B 83 19.71 -16.67 19.65
C ARG B 83 18.56 -16.94 18.68
N SER B 84 18.28 -18.22 18.45
CA SER B 84 17.18 -18.60 17.58
C SER B 84 16.41 -19.79 18.15
N GLU B 85 16.62 -20.07 19.43
CA GLU B 85 15.86 -21.09 20.13
C GLU B 85 14.39 -20.65 20.20
N GLU B 86 13.50 -21.47 19.65
CA GLU B 86 12.13 -21.06 19.42
C GLU B 86 11.31 -20.80 20.70
N SER B 87 11.76 -21.35 21.82
CA SER B 87 11.06 -21.15 23.09
C SER B 87 11.11 -19.68 23.48
N ASP B 88 12.23 -19.03 23.15
CA ASP B 88 12.40 -17.61 23.41
C ASP B 88 11.42 -16.80 22.55
N LYS B 89 11.30 -17.22 21.29
CA LYS B 89 10.35 -16.59 20.38
C LYS B 89 8.93 -16.68 20.93
N ILE B 90 8.52 -17.89 21.28
CA ILE B 90 7.18 -18.13 21.79
C ILE B 90 6.91 -17.33 23.06
N ALA B 91 7.90 -17.29 23.95
CA ALA B 91 7.76 -16.54 25.19
C ALA B 91 7.59 -15.04 24.92
N ALA B 92 8.41 -14.51 24.02
CA ALA B 92 8.34 -13.09 23.67
C ALA B 92 7.01 -12.72 23.01
N LEU B 93 6.57 -13.56 22.07
CA LEU B 93 5.33 -13.31 21.35
C LEU B 93 4.10 -13.43 22.26
N ASP B 94 4.12 -14.40 23.16
CA ASP B 94 3.04 -14.57 24.12
C ASP B 94 3.06 -13.44 25.14
N ALA B 95 4.24 -12.87 25.37
CA ALA B 95 4.38 -11.76 26.31
C ALA B 95 3.66 -10.52 25.81
N GLY B 96 3.66 -10.30 24.50
CA GLY B 96 3.00 -9.15 23.93
C GLY B 96 3.75 -8.50 22.79
N ALA B 97 4.85 -9.13 22.38
CA ALA B 97 5.64 -8.63 21.25
C ALA B 97 4.88 -8.85 19.95
N ASP B 98 5.12 -7.99 18.97
CA ASP B 98 4.41 -8.07 17.69
C ASP B 98 5.24 -8.79 16.64
N ASP B 99 6.57 -8.78 16.81
CA ASP B 99 7.45 -9.48 15.88
C ASP B 99 8.78 -9.84 16.53
N TYR B 100 9.49 -10.79 15.93
CA TYR B 100 10.72 -11.32 16.49
C TYR B 100 11.72 -11.60 15.39
N LEU B 101 12.88 -10.94 15.46
CA LEU B 101 13.94 -11.12 14.49
C LEU B 101 15.17 -11.75 15.13
N SER B 102 15.65 -12.84 14.55
CA SER B 102 16.85 -13.50 15.03
C SER B 102 17.99 -13.35 14.04
N LYS B 103 19.22 -13.36 14.55
CA LYS B 103 20.41 -13.26 13.70
C LYS B 103 20.47 -14.38 12.67
N PRO B 104 20.91 -14.06 11.44
CA PRO B 104 21.27 -12.70 11.04
C PRO B 104 20.10 -11.95 10.39
N PHE B 105 19.86 -10.73 10.83
CA PHE B 105 18.83 -9.90 10.21
C PHE B 105 19.42 -8.89 9.24
N GLY B 106 18.80 -8.77 8.07
CA GLY B 106 19.20 -7.79 7.08
C GLY B 106 18.50 -6.47 7.31
N ILE B 107 19.12 -5.39 6.86
CA ILE B 107 18.56 -4.06 7.03
C ILE B 107 17.23 -3.90 6.29
N GLY B 108 17.14 -4.54 5.12
CA GLY B 108 15.96 -4.47 4.28
C GLY B 108 14.74 -5.13 4.93
N GLU B 109 14.93 -6.36 5.40
CA GLU B 109 13.85 -7.08 6.06
C GLU B 109 13.40 -6.35 7.31
N LEU B 110 14.37 -5.80 8.05
CA LEU B 110 14.06 -5.02 9.24
C LEU B 110 13.16 -3.85 8.89
N GLN B 111 13.60 -3.04 7.93
CA GLN B 111 12.79 -1.89 7.47
C GLN B 111 11.39 -2.31 7.03
N ALA B 112 11.31 -3.42 6.30
CA ALA B 112 10.03 -3.96 5.84
C ALA B 112 9.10 -4.27 7.00
N ARG B 113 9.62 -5.02 7.97
CA ARG B 113 8.83 -5.40 9.13
C ARG B 113 8.42 -4.19 9.98
N LEU B 114 9.29 -3.19 10.03
CA LEU B 114 8.96 -1.93 10.68
C LEU B 114 7.74 -1.30 10.00
N ARG B 115 7.79 -1.25 8.67
CA ARG B 115 6.66 -0.74 7.89
C ARG B 115 5.39 -1.52 8.18
N VAL B 116 5.51 -2.84 8.29
CA VAL B 116 4.36 -3.68 8.61
C VAL B 116 3.75 -3.31 9.96
N ALA B 117 4.61 -3.18 10.98
CA ALA B 117 4.16 -2.86 12.32
C ALA B 117 3.58 -1.45 12.43
N LEU B 118 4.02 -0.56 11.54
CA LEU B 118 3.62 0.84 11.62
C LEU B 118 2.35 1.18 10.85
N ARG B 119 2.05 0.40 9.81
CA ARG B 119 0.92 0.72 8.93
C ARG B 119 -0.43 0.31 9.50
N ARG B 120 -0.46 -0.07 10.77
CA ARG B 120 -1.72 -0.41 11.43
C ARG B 120 -2.34 0.81 12.07
N HIS B 121 -1.50 1.70 12.60
CA HIS B 121 -1.96 2.90 13.28
C HIS B 121 -1.49 4.16 12.58
N SER B 122 -0.22 4.18 12.18
CA SER B 122 0.37 5.36 11.56
C SER B 122 -0.05 5.54 10.10
N ALA B 123 -0.91 4.65 9.62
CA ALA B 123 -1.45 4.76 8.27
C ALA B 123 -2.69 5.64 8.26
N THR B 124 -2.56 6.85 7.70
CA THR B 124 -3.68 7.79 7.63
C THR B 124 -3.84 8.34 6.21
N THR B 125 -3.06 7.81 5.27
CA THR B 125 -3.05 8.26 3.88
C THR B 125 -2.81 9.76 3.76
N ALA B 126 -1.56 10.17 3.92
CA ALA B 126 -1.18 11.58 3.79
C ALA B 126 -1.43 12.07 2.37
N PRO B 127 -2.09 13.23 2.25
CA PRO B 127 -2.47 13.84 0.96
C PRO B 127 -1.31 13.96 -0.01
N ASP B 128 -1.60 13.80 -1.29
CA ASP B 128 -0.59 13.90 -2.34
C ASP B 128 0.02 15.30 -2.39
N PRO B 129 1.34 15.38 -2.60
CA PRO B 129 2.05 16.65 -2.70
C PRO B 129 1.58 17.47 -3.91
N LEU B 130 1.32 18.76 -3.70
CA LEU B 130 0.78 19.62 -4.73
C LEU B 130 1.81 20.62 -5.23
N VAL B 131 1.74 20.95 -6.51
CA VAL B 131 2.57 22.00 -7.09
C VAL B 131 1.70 23.22 -7.37
N LYS B 132 2.01 24.33 -6.72
CA LYS B 132 1.16 25.51 -6.81
C LYS B 132 1.84 26.71 -7.47
N PHE B 133 1.05 27.46 -8.22
CA PHE B 133 1.43 28.76 -8.76
C PHE B 133 0.17 29.53 -9.14
N SER B 134 0.13 30.82 -8.82
CA SER B 134 -1.09 31.61 -8.88
C SER B 134 -2.20 30.92 -8.09
N ASP B 135 -3.33 30.67 -8.74
CA ASP B 135 -4.41 29.91 -8.12
C ASP B 135 -4.53 28.54 -8.77
N VAL B 136 -3.44 28.09 -9.40
CA VAL B 136 -3.40 26.78 -10.03
C VAL B 136 -2.79 25.75 -9.10
N THR B 137 -3.42 24.58 -9.01
CA THR B 137 -2.90 23.48 -8.21
C THR B 137 -2.72 22.25 -9.09
N VAL B 138 -1.54 21.62 -9.01
CA VAL B 138 -1.24 20.46 -9.84
C VAL B 138 -0.82 19.25 -9.03
N ASP B 139 -1.58 18.17 -9.15
CA ASP B 139 -1.26 16.90 -8.53
C ASP B 139 -0.73 15.94 -9.60
N LEU B 140 0.58 15.78 -9.66
CA LEU B 140 1.21 14.93 -10.67
C LEU B 140 0.80 13.47 -10.54
N ALA B 141 0.76 12.98 -9.30
CA ALA B 141 0.36 11.61 -9.04
C ALA B 141 -1.08 11.37 -9.43
N ALA B 142 -1.98 12.17 -8.88
CA ALA B 142 -3.41 12.00 -9.11
C ALA B 142 -3.85 12.46 -10.50
N ARG B 143 -2.94 13.13 -11.21
CA ARG B 143 -3.20 13.64 -12.56
C ARG B 143 -4.45 14.54 -12.60
N VAL B 144 -4.52 15.48 -11.67
CA VAL B 144 -5.66 16.38 -11.57
C VAL B 144 -5.21 17.83 -11.35
N ILE B 145 -5.75 18.75 -12.15
CA ILE B 145 -5.39 20.16 -12.05
C ILE B 145 -6.59 20.99 -11.60
N HIS B 146 -6.36 21.91 -10.67
CA HIS B 146 -7.38 22.87 -10.25
C HIS B 146 -6.96 24.29 -10.59
N ARG B 147 -7.94 25.16 -10.77
CA ARG B 147 -7.70 26.60 -10.90
C ARG B 147 -8.81 27.33 -10.17
N GLY B 148 -8.46 27.89 -9.02
CA GLY B 148 -9.47 28.38 -8.10
C GLY B 148 -10.13 27.16 -7.48
N GLU B 149 -11.45 27.21 -7.31
CA GLU B 149 -12.19 26.06 -6.80
C GLU B 149 -12.43 25.05 -7.92
N GLU B 150 -12.58 25.54 -9.14
CA GLU B 150 -12.91 24.68 -10.28
C GLU B 150 -11.75 23.80 -10.72
N GLU B 151 -12.08 22.75 -11.48
CA GLU B 151 -11.09 21.83 -11.99
C GLU B 151 -10.83 22.07 -13.48
N VAL B 152 -9.56 22.13 -13.86
CA VAL B 152 -9.17 22.34 -15.25
C VAL B 152 -8.71 21.02 -15.88
N HIS B 153 -9.30 20.68 -17.02
CA HIS B 153 -8.93 19.45 -17.71
C HIS B 153 -7.85 19.69 -18.76
N LEU B 154 -6.81 18.86 -18.72
CA LEU B 154 -5.77 18.89 -19.73
C LEU B 154 -5.78 17.59 -20.53
N THR B 155 -5.53 17.70 -21.83
CA THR B 155 -5.39 16.52 -22.68
C THR B 155 -4.06 15.86 -22.34
N PRO B 156 -3.88 14.58 -22.71
CA PRO B 156 -2.65 13.85 -22.38
C PRO B 156 -1.35 14.58 -22.75
N ILE B 157 -1.25 15.06 -23.98
CA ILE B 157 -0.05 15.78 -24.43
C ILE B 157 0.18 17.05 -23.61
N GLU B 158 -0.88 17.82 -23.42
CA GLU B 158 -0.83 19.03 -22.60
C GLU B 158 -0.29 18.71 -21.20
N PHE B 159 -0.71 17.58 -20.66
CA PHE B 159 -0.30 17.18 -19.33
C PHE B 159 1.16 16.73 -19.29
N ARG B 160 1.59 15.99 -20.30
CA ARG B 160 2.99 15.59 -20.41
C ARG B 160 3.88 16.82 -20.46
N LEU B 161 3.47 17.78 -21.28
CA LEU B 161 4.18 19.04 -21.43
C LEU B 161 4.26 19.78 -20.09
N LEU B 162 3.11 20.01 -19.46
CA LEU B 162 3.06 20.70 -18.19
C LEU B 162 3.91 20.01 -17.12
N ALA B 163 3.95 18.69 -17.18
CA ALA B 163 4.75 17.91 -16.23
C ALA B 163 6.23 18.15 -16.45
N VAL B 164 6.67 18.06 -17.71
CA VAL B 164 8.07 18.31 -18.04
C VAL B 164 8.48 19.72 -17.64
N LEU B 165 7.62 20.70 -17.92
CA LEU B 165 7.88 22.09 -17.54
C LEU B 165 7.98 22.23 -16.02
N LEU B 166 7.08 21.56 -15.30
CA LEU B 166 7.06 21.62 -13.84
C LEU B 166 8.31 21.02 -13.23
N ASN B 167 8.83 19.96 -13.85
CA ASN B 167 10.06 19.34 -13.37
C ASN B 167 11.27 20.24 -13.60
N ASN B 168 11.20 21.09 -14.62
CA ASN B 168 12.29 22.00 -14.95
C ASN B 168 11.92 23.46 -14.74
N ALA B 169 11.46 23.78 -13.53
CA ALA B 169 11.08 25.15 -13.21
C ALA B 169 12.30 26.05 -13.07
N GLY B 170 12.38 27.05 -13.94
CA GLY B 170 13.48 28.00 -13.91
C GLY B 170 14.54 27.72 -14.95
N LYS B 171 14.65 26.46 -15.35
CA LYS B 171 15.64 26.05 -16.33
C LYS B 171 15.13 26.24 -17.75
N VAL B 172 16.03 26.61 -18.66
CA VAL B 172 15.67 26.85 -20.04
C VAL B 172 15.74 25.56 -20.86
N LEU B 173 14.61 25.18 -21.45
CA LEU B 173 14.54 23.97 -22.27
C LEU B 173 14.54 24.32 -23.75
N THR B 174 15.42 23.67 -24.50
CA THR B 174 15.44 23.82 -25.95
C THR B 174 14.31 23.01 -26.57
N GLN B 175 13.74 23.53 -27.66
CA GLN B 175 12.61 22.90 -28.33
C GLN B 175 12.90 21.45 -28.71
N ARG B 176 14.15 21.17 -29.05
CA ARG B 176 14.58 19.83 -29.43
C ARG B 176 14.45 18.85 -28.27
N GLN B 177 15.11 19.17 -27.17
CA GLN B 177 15.18 18.24 -26.03
C GLN B 177 13.85 18.03 -25.33
N LEU B 178 12.90 18.96 -25.50
CA LEU B 178 11.58 18.78 -24.92
C LEU B 178 10.62 18.13 -25.92
N LEU B 179 10.86 18.35 -27.21
CA LEU B 179 10.13 17.63 -28.25
C LEU B 179 10.45 16.16 -28.13
N ASN B 180 11.68 15.89 -27.69
CA ASN B 180 12.13 14.53 -27.45
C ASN B 180 11.51 13.93 -26.19
N GLN B 181 10.77 14.74 -25.45
CA GLN B 181 10.19 14.29 -24.19
C GLN B 181 8.67 14.30 -24.16
N VAL B 182 8.05 15.09 -25.03
CA VAL B 182 6.60 15.16 -25.07
C VAL B 182 6.02 14.31 -26.21
N TRP B 183 6.49 14.55 -27.43
CA TRP B 183 6.03 13.79 -28.59
C TRP B 183 6.91 12.56 -28.84
N GLY B 184 8.22 12.79 -28.88
CA GLY B 184 9.16 11.71 -29.12
C GLY B 184 10.26 12.10 -30.09
N PRO B 185 11.10 11.12 -30.45
CA PRO B 185 12.24 11.36 -31.35
C PRO B 185 11.87 11.26 -32.83
N ASN B 186 10.69 11.74 -33.20
CA ASN B 186 10.24 11.68 -34.59
C ASN B 186 9.50 12.94 -35.04
N ALA B 187 9.27 13.85 -34.11
CA ALA B 187 8.61 15.12 -34.42
C ALA B 187 9.51 16.29 -34.01
N VAL B 188 10.82 16.02 -33.97
CA VAL B 188 11.81 16.95 -33.45
C VAL B 188 11.86 18.28 -34.22
N GLU B 189 11.34 18.28 -35.45
CA GLU B 189 11.33 19.51 -36.25
C GLU B 189 9.98 20.21 -36.24
N HIS B 190 8.94 19.48 -35.84
CA HIS B 190 7.59 20.03 -35.82
C HIS B 190 7.41 21.01 -34.67
N SER B 191 8.07 22.16 -34.77
CA SER B 191 8.06 23.15 -33.69
C SER B 191 6.77 23.99 -33.69
N HIS B 192 5.81 23.60 -34.50
CA HIS B 192 4.53 24.32 -34.56
C HIS B 192 3.52 23.74 -33.57
N TYR B 193 3.68 22.47 -33.22
CA TYR B 193 2.81 21.82 -32.25
C TYR B 193 2.98 22.49 -30.90
N LEU B 194 4.24 22.77 -30.58
CA LEU B 194 4.61 23.38 -29.31
C LEU B 194 3.94 24.73 -29.15
N ARG B 195 3.81 25.46 -30.25
CA ARG B 195 3.24 26.80 -30.21
C ARG B 195 1.78 26.77 -29.81
N ILE B 196 0.98 26.01 -30.57
CA ILE B 196 -0.44 25.89 -30.31
C ILE B 196 -0.73 25.26 -28.95
N TYR B 197 0.03 24.22 -28.59
CA TYR B 197 -0.19 23.55 -27.31
C TYR B 197 0.25 24.38 -26.09
N MET B 198 1.34 25.12 -26.23
CA MET B 198 1.74 26.08 -25.20
C MET B 198 0.69 27.16 -25.13
N GLY B 199 0.03 27.41 -26.26
CA GLY B 199 -1.11 28.32 -26.29
C GLY B 199 -2.24 27.75 -25.45
N HIS B 200 -2.38 26.43 -25.47
CA HIS B 200 -3.40 25.76 -24.67
C HIS B 200 -3.10 25.82 -23.17
N LEU B 201 -1.84 25.59 -22.81
CA LEU B 201 -1.43 25.74 -21.42
C LEU B 201 -1.62 27.19 -20.96
N ARG B 202 -1.34 28.13 -21.87
CA ARG B 202 -1.42 29.55 -21.56
C ARG B 202 -2.86 30.03 -21.33
N GLN B 203 -3.77 29.70 -22.25
CA GLN B 203 -5.14 30.15 -22.08
C GLN B 203 -5.89 29.33 -21.02
N LYS B 204 -5.43 28.12 -20.75
CA LYS B 204 -6.04 27.34 -19.67
C LYS B 204 -5.58 27.75 -18.27
N LEU B 205 -4.31 28.12 -18.14
CA LEU B 205 -3.74 28.34 -16.81
C LEU B 205 -3.45 29.80 -16.43
N GLU B 206 -2.96 30.59 -17.39
CA GLU B 206 -2.59 31.98 -17.12
C GLU B 206 -3.81 32.88 -16.89
N GLN B 207 -3.64 33.92 -16.07
CA GLN B 207 -4.67 34.91 -15.85
C GLN B 207 -4.80 35.79 -17.09
N ASP B 208 -3.66 36.15 -17.66
CA ASP B 208 -3.62 36.87 -18.93
C ASP B 208 -2.80 36.08 -19.93
N PRO B 209 -3.48 35.24 -20.74
CA PRO B 209 -2.84 34.38 -21.75
C PRO B 209 -2.01 35.16 -22.77
N ALA B 210 -2.30 36.45 -22.93
CA ALA B 210 -1.53 37.29 -23.84
C ALA B 210 -0.20 37.71 -23.23
N ARG B 211 -0.20 37.92 -21.91
CA ARG B 211 1.02 38.26 -21.18
C ARG B 211 1.30 37.20 -20.12
N PRO B 212 2.03 36.15 -20.51
CA PRO B 212 2.31 35.01 -19.62
C PRO B 212 3.27 35.38 -18.49
N ARG B 213 2.98 34.90 -17.29
CA ARG B 213 3.84 35.14 -16.13
C ARG B 213 4.66 33.90 -15.79
N HIS B 214 4.12 32.73 -16.11
CA HIS B 214 4.77 31.48 -15.76
C HIS B 214 5.30 30.73 -16.97
N PHE B 215 4.61 30.85 -18.10
CA PHE B 215 5.04 30.19 -19.33
C PHE B 215 5.78 31.16 -20.25
N ILE B 216 7.07 31.33 -20.01
CA ILE B 216 7.85 32.31 -20.75
C ILE B 216 8.55 31.68 -21.95
N THR B 217 8.56 32.40 -23.06
CA THR B 217 9.18 31.90 -24.29
C THR B 217 10.60 32.41 -24.49
N GLU B 218 11.53 31.48 -24.70
CA GLU B 218 12.92 31.83 -24.99
C GLU B 218 13.14 31.79 -26.49
N THR B 219 12.93 32.94 -27.14
CA THR B 219 12.97 33.03 -28.60
C THR B 219 14.27 32.54 -29.21
N GLY B 220 14.18 31.53 -30.07
CA GLY B 220 15.34 31.01 -30.77
C GLY B 220 15.81 29.67 -30.24
N ILE B 221 15.75 29.50 -28.92
CA ILE B 221 16.24 28.29 -28.28
C ILE B 221 15.10 27.37 -27.84
N GLY B 222 14.13 27.91 -27.11
CA GLY B 222 13.00 27.12 -26.65
C GLY B 222 12.04 27.84 -25.72
N TYR B 223 11.75 27.22 -24.58
CA TYR B 223 10.83 27.80 -23.61
C TYR B 223 11.39 27.65 -22.19
N ARG B 224 10.72 28.29 -21.24
CA ARG B 224 11.10 28.21 -19.84
C ARG B 224 9.91 28.51 -18.93
N PHE B 225 9.74 27.67 -17.91
CA PHE B 225 8.61 27.79 -16.99
C PHE B 225 9.04 28.35 -15.64
N MET B 226 8.20 29.22 -15.08
CA MET B 226 8.49 29.82 -13.77
C MET B 226 7.44 29.46 -12.74
N LEU B 227 7.85 29.44 -11.48
CA LEU B 227 7.00 29.02 -10.36
C LEU B 227 6.59 27.55 -10.46
#